data_8EI4
#
_entry.id   8EI4
#
_cell.length_a   45.420
_cell.length_b   51.210
_cell.length_c   58.640
_cell.angle_alpha   112.090
_cell.angle_beta   99.610
_cell.angle_gamma   102.510
#
_symmetry.space_group_name_H-M   'P 1'
#
loop_
_entity.id
_entity.type
_entity.pdbx_description
1 polymer 'NEDD4-like E3 ubiquitin-protein ligase WWP1'
2 polymer H302
3 non-polymer 1,2-ETHANEDIOL
4 non-polymer "N,N'-(1,4-phenylene)diacetamide"
5 water water
#
loop_
_entity_poly.entity_id
_entity_poly.type
_entity_poly.pdbx_seq_one_letter_code
_entity_poly.pdbx_strand_id
1 'polypeptide(L)'
;GSHMGFRWKLAHFRYLCQSNALPSHVKINVSRQTLFEDSFQQIMALKPYDLRRRLYVIFRGEEGLDYGGLAREWFFLLSH
EVLNPMYCLFEYAGKNNYCLQINPASTINPDHLSYFCFIGRFIAMALFHGKFIDTGFSLPFYKRMLSKKLTIKDLESIDT
EFYNSLIWIRDNNIEECGLEMYFSVDMEILGKVTSHDLKLGGSNILVTEENKDEYIGLMTEWRFSRGVQEQTKAFLDGFN
EVVPLQWLQYFDEKELEVMLCGMQEVDLADWQRNTVYRHYTRNSKQIIWFWQFVKETDNEVRMRLLQFVTGTCRLPLGGF
AELMGSNGPQKFCIEKVGKDTWLPRSHTCFNRLDLPPYKSYEQLKEKLLFAIEETE
;
A
2 'polypeptide(L)' (ACE)DPASMRCHRAAHICSVL(NH2) B
#
loop_
_chem_comp.id
_chem_comp.type
_chem_comp.name
_chem_comp.formula
ACE non-polymer 'ACETYL GROUP' 'C2 H4 O'
EDO non-polymer 1,2-ETHANEDIOL 'C2 H6 O2'
NH2 non-polymer 'AMINO GROUP' 'H2 N'
WHL non-polymer N,N'-(1,4-phenylene)diacetamide 'C10 H12 N2 O2'
#
# COMPACT_ATOMS: atom_id res chain seq x y z
N HIS A 3 -5.38 6.21 14.32
CA HIS A 3 -4.66 6.84 15.42
C HIS A 3 -5.40 8.07 15.96
N MET A 4 -4.99 8.54 17.15
CA MET A 4 -5.62 9.67 17.86
C MET A 4 -7.12 9.40 17.90
N GLY A 5 -7.97 10.34 17.51
CA GLY A 5 -9.40 10.09 17.55
C GLY A 5 -9.91 9.39 16.31
N PHE A 6 -9.61 8.10 16.17
CA PHE A 6 -10.03 7.36 14.98
C PHE A 6 -11.51 6.98 15.06
N ARG A 7 -11.99 6.58 16.24
CA ARG A 7 -13.41 6.25 16.40
C ARG A 7 -14.31 7.44 16.11
N TRP A 8 -13.83 8.64 16.39
CA TRP A 8 -14.53 9.84 15.94
C TRP A 8 -14.53 9.93 14.42
N LYS A 9 -13.41 9.59 13.79
CA LYS A 9 -13.27 9.74 12.34
C LYS A 9 -14.28 8.89 11.58
N LEU A 10 -14.50 7.66 12.01
CA LEU A 10 -15.37 6.82 11.23
C LEU A 10 -16.82 7.09 11.56
N ALA A 11 -17.12 7.46 12.80
CA ALA A 11 -18.47 7.89 13.14
C ALA A 11 -18.91 9.02 12.24
N HIS A 12 -18.04 9.98 12.01
CA HIS A 12 -18.39 11.09 11.12
C HIS A 12 -18.64 10.59 9.71
N PHE A 13 -17.85 9.60 9.26
CA PHE A 13 -18.00 9.06 7.91
C PHE A 13 -19.29 8.27 7.78
N ARG A 14 -19.61 7.42 8.76
CA ARG A 14 -20.87 6.69 8.68
C ARG A 14 -22.05 7.65 8.66
N TYR A 15 -21.95 8.77 9.40
CA TYR A 15 -23.02 9.74 9.35
C TYR A 15 -23.09 10.42 7.99
N LEU A 16 -21.96 10.59 7.32
CA LEU A 16 -21.97 11.18 5.99
C LEU A 16 -22.71 10.29 4.99
N CYS A 17 -22.43 9.00 5.01
CA CYS A 17 -23.08 8.11 4.06
C CYS A 17 -24.56 7.99 4.38
N GLN A 18 -24.89 7.88 5.66
CA GLN A 18 -26.28 7.68 6.07
C GLN A 18 -27.15 8.88 5.70
N SER A 19 -26.66 10.11 5.89
CA SER A 19 -27.43 11.27 5.47
C SER A 19 -27.40 11.50 3.95
N ASN A 20 -26.50 10.85 3.22
CA ASN A 20 -26.51 10.98 1.77
C ASN A 20 -27.22 9.80 1.09
N ALA A 21 -27.83 8.90 1.85
CA ALA A 21 -28.45 7.72 1.25
C ALA A 21 -29.64 8.10 0.37
N LEU A 22 -30.05 7.17 -0.46
CA LEU A 22 -31.13 7.45 -1.39
C LEU A 22 -32.25 6.45 -1.18
N PRO A 23 -33.49 6.85 -1.40
CA PRO A 23 -34.61 5.95 -1.09
C PRO A 23 -34.71 4.82 -2.09
N SER A 24 -35.56 3.84 -1.82
CA SER A 24 -35.80 2.71 -2.74
C SER A 24 -34.55 1.83 -2.76
N HIS A 25 -34.35 1.05 -3.84
CA HIS A 25 -33.32 0.03 -3.85
C HIS A 25 -32.88 -0.29 -5.27
N VAL A 26 -31.83 -1.11 -5.36
CA VAL A 26 -31.32 -1.66 -6.60
C VAL A 26 -31.11 -3.15 -6.37
N LYS A 27 -31.64 -3.97 -7.27
CA LYS A 27 -31.49 -5.41 -7.19
C LYS A 27 -30.35 -5.84 -8.12
N ILE A 28 -29.57 -6.80 -7.66
CA ILE A 28 -28.39 -7.29 -8.36
C ILE A 28 -28.53 -8.82 -8.44
N ASN A 29 -28.71 -9.33 -9.66
CA ASN A 29 -28.80 -10.77 -9.94
C ASN A 29 -27.44 -11.24 -10.43
N VAL A 30 -26.91 -12.30 -9.81
CA VAL A 30 -25.59 -12.79 -10.13
C VAL A 30 -25.61 -14.31 -9.98
N SER A 31 -24.64 -14.95 -10.63
CA SER A 31 -24.43 -16.38 -10.53
C SER A 31 -23.13 -16.66 -9.81
N ARG A 32 -22.98 -17.88 -9.33
CA ARG A 32 -21.80 -18.23 -8.56
C ARG A 32 -20.55 -18.25 -9.44
N GLN A 33 -20.63 -18.93 -10.58
CA GLN A 33 -19.45 -19.13 -11.43
C GLN A 33 -19.17 -17.97 -12.37
N THR A 34 -20.16 -17.15 -12.69
CA THR A 34 -19.99 -15.98 -13.55
C THR A 34 -20.10 -14.69 -12.75
N LEU A 35 -19.57 -14.70 -11.52
CA LEU A 35 -19.88 -13.64 -10.55
C LEU A 35 -19.42 -12.27 -11.02
N PHE A 36 -18.21 -12.19 -11.60
CA PHE A 36 -17.61 -10.91 -11.94
C PHE A 36 -18.05 -10.37 -13.30
N GLU A 37 -18.36 -11.22 -14.29
CA GLU A 37 -18.96 -10.67 -15.51
C GLU A 37 -20.35 -10.09 -15.22
N ASP A 38 -21.16 -10.79 -14.40
CA ASP A 38 -22.53 -10.35 -14.12
C ASP A 38 -22.57 -9.09 -13.26
N SER A 39 -21.75 -9.01 -12.21
CA SER A 39 -21.72 -7.80 -11.41
C SER A 39 -21.29 -6.61 -12.24
N PHE A 40 -20.30 -6.82 -13.12
CA PHE A 40 -19.84 -5.74 -13.99
C PHE A 40 -21.00 -5.18 -14.81
N GLN A 41 -21.81 -6.05 -15.41
CA GLN A 41 -22.86 -5.59 -16.32
C GLN A 41 -24.02 -4.94 -15.55
N GLN A 42 -24.43 -5.52 -14.42
CA GLN A 42 -25.51 -4.92 -13.66
C GLN A 42 -25.10 -3.62 -12.96
N ILE A 43 -23.88 -3.51 -12.44
CA ILE A 43 -23.45 -2.27 -11.79
C ILE A 43 -23.27 -1.17 -12.83
N MET A 44 -22.48 -1.44 -13.89
CA MET A 44 -22.20 -0.43 -14.90
C MET A 44 -23.45 0.05 -15.64
N ALA A 45 -24.53 -0.75 -15.68
CA ALA A 45 -25.78 -0.24 -16.25
C ALA A 45 -26.50 0.74 -15.34
N LEU A 46 -26.16 0.79 -14.03
CA LEU A 46 -26.82 1.69 -13.10
C LEU A 46 -26.07 3.01 -13.00
N LYS A 47 -26.80 4.08 -12.74
CA LYS A 47 -26.14 5.36 -12.54
C LYS A 47 -25.39 5.33 -11.20
N PRO A 48 -24.29 6.07 -11.07
CA PRO A 48 -23.46 5.96 -9.86
C PRO A 48 -24.21 6.23 -8.55
N TYR A 49 -25.03 7.28 -8.49
CA TYR A 49 -25.72 7.52 -7.24
C TYR A 49 -26.83 6.50 -6.96
N ASP A 50 -27.19 5.66 -7.92
CA ASP A 50 -28.13 4.58 -7.62
C ASP A 50 -27.52 3.59 -6.65
N LEU A 51 -26.18 3.53 -6.60
CA LEU A 51 -25.53 2.60 -5.70
C LEU A 51 -25.64 3.03 -4.23
N ARG A 52 -26.13 4.25 -3.96
CA ARG A 52 -26.37 4.74 -2.62
C ARG A 52 -27.72 4.34 -2.08
N ARG A 53 -28.46 3.54 -2.81
CA ARG A 53 -29.75 3.09 -2.34
C ARG A 53 -29.58 1.78 -1.61
N ARG A 54 -30.67 1.20 -1.15
CA ARG A 54 -30.57 -0.07 -0.48
C ARG A 54 -30.19 -1.12 -1.50
N LEU A 55 -29.35 -2.05 -1.09
CA LEU A 55 -28.87 -3.10 -1.97
C LEU A 55 -29.56 -4.44 -1.75
N TYR A 56 -30.00 -5.05 -2.85
CA TYR A 56 -30.65 -6.35 -2.80
C TYR A 56 -29.94 -7.28 -3.77
N VAL A 57 -29.19 -8.24 -3.24
CA VAL A 57 -28.45 -9.18 -4.06
C VAL A 57 -29.11 -10.55 -3.92
N ILE A 58 -29.80 -10.98 -4.97
CA ILE A 58 -30.32 -12.34 -5.07
C ILE A 58 -29.42 -13.11 -6.03
N PHE A 59 -28.74 -14.13 -5.51
CA PHE A 59 -27.82 -14.91 -6.32
C PHE A 59 -28.58 -15.72 -7.38
N ASP A 66 -29.60 -13.89 5.57
CA ASP A 66 -30.50 -12.73 5.72
C ASP A 66 -30.64 -12.00 4.37
N TYR A 67 -31.38 -10.89 4.35
CA TYR A 67 -31.30 -10.03 3.18
C TYR A 67 -30.25 -8.93 3.34
N GLY A 68 -29.31 -9.11 4.27
CA GLY A 68 -28.11 -8.30 4.36
C GLY A 68 -26.84 -9.12 4.51
N GLY A 69 -26.98 -10.44 4.60
CA GLY A 69 -25.84 -11.34 4.65
C GLY A 69 -25.48 -11.79 3.25
N LEU A 70 -26.48 -11.77 2.37
CA LEU A 70 -26.26 -11.92 0.94
C LEU A 70 -25.35 -10.82 0.41
N ALA A 71 -25.56 -9.59 0.89
CA ALA A 71 -24.72 -8.48 0.50
C ALA A 71 -23.28 -8.70 0.95
N ARG A 72 -23.09 -9.17 2.19
CA ARG A 72 -21.74 -9.40 2.67
C ARG A 72 -21.08 -10.51 1.87
N GLU A 73 -21.84 -11.56 1.54
CA GLU A 73 -21.30 -12.63 0.71
C GLU A 73 -20.97 -12.12 -0.69
N TRP A 74 -21.67 -11.10 -1.17
CA TRP A 74 -21.34 -10.51 -2.47
C TRP A 74 -20.02 -9.74 -2.39
N PHE A 75 -19.90 -8.86 -1.38
CA PHE A 75 -18.72 -8.01 -1.25
C PHE A 75 -17.46 -8.81 -0.96
N PHE A 76 -17.57 -9.98 -0.33
CA PHE A 76 -16.38 -10.81 -0.13
C PHE A 76 -15.99 -11.54 -1.41
N LEU A 77 -16.94 -12.26 -2.01
CA LEU A 77 -16.66 -13.05 -3.20
C LEU A 77 -16.15 -12.18 -4.34
N LEU A 78 -16.95 -11.17 -4.73
CA LEU A 78 -16.54 -10.29 -5.82
C LEU A 78 -15.22 -9.62 -5.53
N SER A 79 -14.91 -9.36 -4.24
CA SER A 79 -13.64 -8.77 -3.89
C SER A 79 -12.48 -9.66 -4.30
N HIS A 80 -12.62 -10.97 -4.12
CA HIS A 80 -11.57 -11.91 -4.53
C HIS A 80 -11.46 -11.99 -6.05
N GLU A 81 -12.58 -11.98 -6.74
CA GLU A 81 -12.55 -12.21 -8.19
C GLU A 81 -12.03 -11.00 -8.97
N VAL A 82 -12.31 -9.78 -8.52
CA VAL A 82 -11.92 -8.62 -9.31
C VAL A 82 -10.41 -8.39 -9.22
N LEU A 83 -9.82 -8.69 -8.06
CA LEU A 83 -8.37 -8.63 -7.82
C LEU A 83 -7.67 -9.97 -8.06
N ASN A 84 -8.29 -10.86 -8.84
CA ASN A 84 -7.72 -12.17 -9.16
C ASN A 84 -7.05 -12.09 -10.52
N PRO A 85 -5.74 -12.32 -10.63
CA PRO A 85 -5.07 -12.32 -11.94
C PRO A 85 -5.70 -13.28 -12.96
N MET A 86 -6.72 -12.81 -13.67
CA MET A 86 -7.36 -13.61 -14.71
C MET A 86 -7.79 -12.71 -15.87
N TYR A 87 -8.39 -11.56 -15.54
CA TYR A 87 -8.63 -10.51 -16.51
C TYR A 87 -7.40 -9.63 -16.73
N CYS A 88 -6.30 -9.93 -16.06
CA CYS A 88 -5.01 -9.28 -16.28
C CYS A 88 -5.06 -7.80 -15.93
N LEU A 89 -5.90 -7.44 -14.97
CA LEU A 89 -5.96 -6.08 -14.47
C LEU A 89 -4.92 -5.80 -13.39
N PHE A 90 -4.53 -6.80 -12.61
CA PHE A 90 -3.62 -6.61 -11.49
C PHE A 90 -2.39 -7.50 -11.62
N GLU A 91 -1.23 -6.95 -11.24
CA GLU A 91 0.06 -7.64 -11.22
C GLU A 91 0.61 -7.64 -9.80
N TYR A 92 1.00 -8.82 -9.30
CA TYR A 92 1.63 -8.86 -7.98
C TYR A 92 2.88 -7.99 -7.95
N ALA A 93 3.75 -8.14 -8.96
CA ALA A 93 4.96 -7.35 -9.14
C ALA A 93 5.69 -7.11 -7.83
N GLY A 94 5.47 -8.01 -6.87
CA GLY A 94 6.29 -8.12 -5.69
C GLY A 94 6.99 -9.45 -5.83
N LYS A 95 6.48 -10.46 -5.13
CA LYS A 95 6.97 -11.82 -5.33
C LYS A 95 5.81 -12.80 -5.27
N ASN A 96 5.85 -13.73 -4.31
CA ASN A 96 4.88 -14.81 -4.24
C ASN A 96 3.45 -14.31 -4.00
N LEU A 100 -0.51 -6.58 -3.77
CA LEU A 100 -0.78 -6.56 -5.20
C LEU A 100 -1.04 -5.13 -5.70
N GLN A 101 -1.02 -4.94 -7.01
CA GLN A 101 -1.15 -3.61 -7.59
C GLN A 101 -1.67 -3.72 -9.03
N ILE A 102 -1.86 -2.57 -9.67
CA ILE A 102 -2.37 -2.55 -11.02
C ILE A 102 -1.30 -3.08 -11.97
N ASN A 103 -1.72 -3.88 -12.94
CA ASN A 103 -0.83 -4.43 -13.95
C ASN A 103 -0.65 -3.42 -15.08
N PRO A 104 0.58 -3.03 -15.43
CA PRO A 104 0.74 -2.08 -16.55
C PRO A 104 0.47 -2.71 -17.91
N ALA A 105 0.45 -4.04 -18.00
CA ALA A 105 0.10 -4.76 -19.22
C ALA A 105 -1.40 -4.99 -19.37
N SER A 106 -2.22 -4.28 -18.58
CA SER A 106 -3.67 -4.44 -18.69
C SER A 106 -4.21 -3.86 -19.99
N THR A 107 -3.40 -3.10 -20.72
CA THR A 107 -3.82 -2.60 -22.02
C THR A 107 -4.13 -3.72 -23.00
N ILE A 108 -3.67 -4.96 -22.75
CA ILE A 108 -4.04 -6.08 -23.61
C ILE A 108 -5.54 -6.13 -23.77
N ASN A 109 -6.26 -5.89 -22.69
CA ASN A 109 -7.71 -5.79 -22.63
C ASN A 109 -8.12 -4.45 -23.20
N PRO A 110 -8.77 -4.42 -24.37
CA PRO A 110 -9.24 -3.12 -24.91
C PRO A 110 -10.17 -2.38 -23.97
N ASP A 111 -10.91 -3.07 -23.11
CA ASP A 111 -11.86 -2.42 -22.21
C ASP A 111 -11.35 -2.32 -20.76
N HIS A 112 -10.03 -2.36 -20.55
CA HIS A 112 -9.50 -2.33 -19.19
C HIS A 112 -9.99 -1.10 -18.43
N LEU A 113 -9.91 0.09 -19.05
CA LEU A 113 -10.41 1.30 -18.40
C LEU A 113 -11.88 1.19 -17.99
N SER A 114 -12.69 0.41 -18.71
CA SER A 114 -14.06 0.24 -18.24
C SER A 114 -14.11 -0.66 -17.00
N TYR A 115 -13.23 -1.65 -16.92
CA TYR A 115 -13.23 -2.53 -15.76
C TYR A 115 -12.68 -1.81 -14.53
N PHE A 116 -11.71 -0.90 -14.70
CA PHE A 116 -11.20 -0.18 -13.54
C PHE A 116 -12.21 0.83 -13.02
N CYS A 117 -13.03 1.41 -13.90
CA CYS A 117 -14.13 2.25 -13.45
C CYS A 117 -15.04 1.45 -12.54
N PHE A 118 -15.36 0.23 -12.96
CA PHE A 118 -16.23 -0.61 -12.16
C PHE A 118 -15.59 -0.94 -10.83
N ILE A 119 -14.29 -1.21 -10.82
CA ILE A 119 -13.62 -1.64 -9.59
C ILE A 119 -13.65 -0.53 -8.55
N GLY A 120 -13.35 0.71 -8.96
CA GLY A 120 -13.43 1.84 -8.05
C GLY A 120 -14.85 2.09 -7.56
N ARG A 121 -15.82 1.98 -8.45
CA ARG A 121 -17.21 2.08 -8.00
C ARG A 121 -17.52 1.02 -6.95
N PHE A 122 -17.02 -0.20 -7.14
CA PHE A 122 -17.30 -1.30 -6.21
C PHE A 122 -16.62 -1.08 -4.86
N ILE A 123 -15.35 -0.64 -4.87
CA ILE A 123 -14.67 -0.34 -3.61
C ILE A 123 -15.41 0.76 -2.85
N ALA A 124 -15.89 1.79 -3.57
CA ALA A 124 -16.63 2.87 -2.93
C ALA A 124 -17.98 2.40 -2.38
N MET A 125 -18.59 1.39 -3.00
CA MET A 125 -19.85 0.87 -2.48
C MET A 125 -19.62 0.20 -1.15
N ALA A 126 -18.53 -0.56 -1.04
CA ALA A 126 -18.17 -1.21 0.22
C ALA A 126 -18.04 -0.20 1.36
N LEU A 127 -17.28 0.89 1.14
CA LEU A 127 -17.19 1.95 2.14
C LEU A 127 -18.54 2.58 2.42
N PHE A 128 -19.31 2.89 1.38
CA PHE A 128 -20.60 3.56 1.57
C PHE A 128 -21.53 2.70 2.40
N HIS A 129 -21.54 1.40 2.15
CA HIS A 129 -22.44 0.46 2.81
C HIS A 129 -21.82 -0.20 4.04
N GLY A 130 -20.66 0.28 4.50
CA GLY A 130 -20.01 -0.27 5.67
C GLY A 130 -19.71 -1.75 5.62
N LYS A 131 -19.38 -2.28 4.43
CA LYS A 131 -19.01 -3.68 4.29
C LYS A 131 -17.52 -3.84 4.03
N PHE A 132 -16.99 -5.01 4.36
CA PHE A 132 -15.56 -5.28 4.32
C PHE A 132 -15.21 -6.10 3.09
N ILE A 133 -14.07 -5.77 2.49
CA ILE A 133 -13.54 -6.52 1.37
C ILE A 133 -12.39 -7.37 1.88
N ASP A 134 -12.16 -8.50 1.21
CA ASP A 134 -11.16 -9.45 1.65
C ASP A 134 -9.88 -9.35 0.83
N THR A 135 -9.83 -8.38 -0.08
CA THR A 135 -8.66 -8.03 -0.87
C THR A 135 -8.14 -6.69 -0.39
N GLY A 136 -7.01 -6.24 -0.93
CA GLY A 136 -6.43 -5.06 -0.34
C GLY A 136 -5.20 -4.49 -1.00
N PHE A 137 -5.20 -3.16 -1.19
CA PHE A 137 -4.12 -2.65 -1.98
C PHE A 137 -3.02 -2.23 -1.00
N SER A 138 -1.94 -1.67 -1.51
CA SER A 138 -0.84 -1.29 -0.65
C SER A 138 -1.08 0.09 -0.03
N LEU A 139 -0.34 0.36 1.05
CA LEU A 139 -0.42 1.67 1.69
C LEU A 139 -0.12 2.82 0.73
N PRO A 140 0.96 2.80 -0.05
CA PRO A 140 1.16 3.87 -1.05
C PRO A 140 -0.01 4.05 -2.03
N PHE A 141 -0.74 2.98 -2.38
CA PHE A 141 -1.97 3.15 -3.16
C PHE A 141 -3.02 3.95 -2.39
N TYR A 142 -3.23 3.63 -1.11
CA TYR A 142 -4.21 4.37 -0.31
C TYR A 142 -3.79 5.83 -0.13
N LYS A 143 -2.48 6.11 -0.09
CA LYS A 143 -2.04 7.50 -0.01
C LYS A 143 -2.39 8.25 -1.29
N ARG A 144 -2.24 7.59 -2.44
CA ARG A 144 -2.68 8.18 -3.69
C ARG A 144 -4.18 8.50 -3.68
N MET A 145 -5.00 7.62 -3.07
CA MET A 145 -6.41 7.94 -2.98
C MET A 145 -6.66 9.16 -2.11
N LEU A 146 -5.78 9.42 -1.14
CA LEU A 146 -6.00 10.53 -0.23
C LEU A 146 -5.22 11.78 -0.64
N SER A 147 -4.64 11.78 -1.84
CA SER A 147 -3.87 12.92 -2.34
C SER A 147 -2.73 13.31 -1.41
N LYS A 148 -2.07 12.30 -0.82
CA LYS A 148 -0.95 12.52 0.09
C LYS A 148 0.38 12.35 -0.65
N LYS A 149 1.38 13.17 -0.28
CA LYS A 149 2.70 13.11 -0.90
C LYS A 149 3.29 11.72 -0.72
N LEU A 150 3.81 11.17 -1.82
CA LEU A 150 4.46 9.87 -1.78
C LEU A 150 5.96 10.11 -1.55
N THR A 151 6.55 9.39 -0.59
CA THR A 151 7.91 9.60 -0.12
C THR A 151 8.84 8.56 -0.71
N ILE A 152 10.14 8.70 -0.42
CA ILE A 152 11.09 7.68 -0.87
C ILE A 152 10.98 6.40 -0.04
N LYS A 153 10.41 6.46 1.18
CA LYS A 153 10.15 5.22 1.91
C LYS A 153 9.00 4.43 1.29
N ASP A 154 7.99 5.11 0.77
CA ASP A 154 6.99 4.41 -0.03
C ASP A 154 7.63 3.71 -1.22
N LEU A 155 8.63 4.34 -1.84
CA LEU A 155 9.37 3.68 -2.90
C LEU A 155 9.98 2.36 -2.42
N GLU A 156 10.62 2.37 -1.23
CA GLU A 156 11.21 1.16 -0.66
C GLU A 156 10.19 0.02 -0.56
N SER A 157 8.92 0.35 -0.31
CA SER A 157 7.91 -0.67 -0.13
C SER A 157 7.48 -1.30 -1.47
N ILE A 158 7.59 -0.58 -2.57
CA ILE A 158 7.17 -1.10 -3.88
C ILE A 158 8.34 -1.67 -4.68
N ASP A 159 9.52 -1.06 -4.63
CA ASP A 159 10.59 -1.46 -5.55
C ASP A 159 11.95 -1.29 -4.86
N THR A 160 12.32 -2.31 -4.05
CA THR A 160 13.59 -2.33 -3.31
C THR A 160 14.77 -1.93 -4.18
N GLU A 161 14.96 -2.61 -5.32
CA GLU A 161 16.17 -2.44 -6.10
C GLU A 161 16.21 -1.08 -6.78
N PHE A 162 15.05 -0.54 -7.13
CA PHE A 162 14.99 0.84 -7.62
C PHE A 162 15.25 1.80 -6.47
N TYR A 163 14.77 1.45 -5.27
CA TYR A 163 15.02 2.28 -4.10
C TYR A 163 16.52 2.33 -3.79
N ASN A 164 17.20 1.18 -3.89
CA ASN A 164 18.62 1.11 -3.51
C ASN A 164 19.47 1.97 -4.43
N SER A 165 19.10 2.06 -5.71
CA SER A 165 19.91 2.83 -6.66
C SER A 165 19.77 4.33 -6.39
N LEU A 166 18.54 4.80 -6.15
CA LEU A 166 18.33 6.21 -5.87
C LEU A 166 18.99 6.63 -4.56
N ILE A 167 18.96 5.76 -3.54
CA ILE A 167 19.66 6.04 -2.29
C ILE A 167 21.15 6.19 -2.55
N TRP A 168 21.71 5.31 -3.39
CA TRP A 168 23.14 5.39 -3.67
C TRP A 168 23.52 6.72 -4.32
N ILE A 169 22.71 7.21 -5.25
CA ILE A 169 22.94 8.52 -5.86
C ILE A 169 22.83 9.63 -4.81
N ARG A 170 21.98 9.46 -3.80
CA ARG A 170 21.67 10.55 -2.88
C ARG A 170 22.85 10.91 -1.99
N ASP A 171 23.58 9.90 -1.49
CA ASP A 171 24.73 10.14 -0.60
C ASP A 171 25.92 9.29 -1.07
N ASN A 172 26.21 9.38 -2.36
CA ASN A 172 27.55 9.18 -2.91
C ASN A 172 27.67 10.06 -4.16
N ASN A 173 28.80 10.75 -4.30
CA ASN A 173 28.95 11.56 -5.49
C ASN A 173 29.18 10.68 -6.71
N ILE A 174 28.39 10.94 -7.73
CA ILE A 174 28.30 10.18 -8.96
C ILE A 174 29.28 10.68 -10.01
N GLU A 175 30.21 11.56 -9.60
CA GLU A 175 31.27 12.02 -10.49
C GLU A 175 32.45 11.07 -10.51
N GLU A 176 32.80 10.50 -9.36
CA GLU A 176 33.85 9.49 -9.31
C GLU A 176 33.36 8.12 -9.77
N CYS A 177 32.07 7.99 -10.07
CA CYS A 177 31.52 6.73 -10.51
C CYS A 177 31.41 6.67 -12.03
N GLY A 178 31.43 7.82 -12.71
CA GLY A 178 31.25 7.85 -14.14
C GLY A 178 29.80 7.77 -14.58
N LEU A 179 28.86 7.99 -13.65
CA LEU A 179 27.46 7.96 -14.01
C LEU A 179 27.12 9.14 -14.90
N GLU A 180 26.48 8.85 -16.03
CA GLU A 180 25.93 9.86 -16.93
C GLU A 180 24.43 9.58 -17.05
N MET A 181 23.61 10.45 -16.47
CA MET A 181 22.17 10.25 -16.45
C MET A 181 21.44 11.52 -16.83
N TYR A 182 20.19 11.35 -17.26
CA TYR A 182 19.42 12.46 -17.77
C TYR A 182 18.01 12.39 -17.21
N PHE A 183 17.28 13.50 -17.33
CA PHE A 183 15.94 13.62 -16.78
C PHE A 183 14.88 12.97 -17.68
N SER A 184 15.14 11.70 -18.05
CA SER A 184 14.14 10.94 -18.80
C SER A 184 14.37 9.46 -18.56
N VAL A 185 13.29 8.68 -18.57
CA VAL A 185 13.37 7.24 -18.33
C VAL A 185 12.48 6.50 -19.30
N ASP A 186 13.05 5.48 -19.91
CA ASP A 186 12.32 4.54 -20.72
C ASP A 186 11.63 3.52 -19.83
N MET A 187 10.72 2.81 -20.47
CA MET A 187 9.95 1.75 -19.87
C MET A 187 9.46 0.95 -21.03
N GLU A 188 9.53 -0.36 -20.91
CA GLU A 188 9.07 -1.23 -21.98
C GLU A 188 7.96 -2.11 -21.45
N ILE A 189 6.79 -1.94 -22.03
CA ILE A 189 5.66 -2.75 -21.66
C ILE A 189 5.17 -3.33 -22.97
N LEU A 190 5.00 -4.65 -22.99
CA LEU A 190 4.52 -5.37 -24.18
C LEU A 190 5.37 -5.02 -25.41
N GLY A 191 6.67 -4.85 -25.19
CA GLY A 191 7.59 -4.52 -26.27
C GLY A 191 7.37 -3.19 -26.93
N LYS A 192 7.07 -2.15 -26.16
CA LYS A 192 6.79 -0.81 -26.68
C LYS A 192 7.99 0.12 -26.59
N VAL A 193 8.70 0.14 -25.46
CA VAL A 193 9.78 1.09 -25.20
C VAL A 193 9.23 2.50 -25.40
N THR A 194 8.66 3.05 -24.34
CA THR A 194 8.12 4.39 -24.33
C THR A 194 9.02 5.28 -23.49
N SER A 195 9.49 6.38 -24.07
CA SER A 195 10.28 7.35 -23.34
C SER A 195 9.37 8.29 -22.58
N HIS A 196 9.91 8.87 -21.51
CA HIS A 196 9.17 9.82 -20.70
C HIS A 196 10.13 10.92 -20.27
N ASP A 197 9.80 12.16 -20.59
CA ASP A 197 10.55 13.31 -20.14
C ASP A 197 10.02 13.73 -18.77
N LEU A 198 10.91 13.72 -17.75
CA LEU A 198 10.50 14.09 -16.40
C LEU A 198 10.09 15.55 -16.31
N LYS A 199 10.69 16.41 -17.12
CA LYS A 199 10.24 17.77 -17.35
C LYS A 199 10.24 18.04 -18.87
N LEU A 200 9.88 19.25 -19.28
CA LEU A 200 9.87 19.57 -20.71
C LEU A 200 11.29 19.59 -21.25
N GLY A 201 11.54 18.79 -22.29
CA GLY A 201 12.89 18.67 -22.83
C GLY A 201 13.88 18.03 -21.89
N GLY A 202 13.40 17.17 -20.98
CA GLY A 202 14.25 16.58 -19.96
C GLY A 202 15.32 15.64 -20.48
N SER A 203 15.11 15.00 -21.63
CA SER A 203 16.12 14.08 -22.12
C SER A 203 17.45 14.76 -22.41
N ASN A 204 17.45 16.10 -22.50
CA ASN A 204 18.62 16.87 -22.88
C ASN A 204 19.21 17.68 -21.70
N ILE A 205 19.14 17.15 -20.47
CA ILE A 205 19.77 17.76 -19.31
C ILE A 205 20.47 16.68 -18.49
N LEU A 206 21.79 16.80 -18.33
CA LEU A 206 22.56 15.81 -17.59
C LEU A 206 22.27 15.91 -16.09
N VAL A 207 22.14 14.76 -15.44
CA VAL A 207 21.97 14.71 -13.99
C VAL A 207 23.32 15.02 -13.38
N THR A 208 23.42 16.13 -12.65
CA THR A 208 24.62 16.52 -11.93
C THR A 208 24.39 16.64 -10.43
N GLU A 209 25.53 16.58 -9.73
CA GLU A 209 25.63 16.63 -8.28
C GLU A 209 24.88 17.80 -7.67
N GLU A 210 24.62 18.86 -8.44
CA GLU A 210 23.82 19.95 -7.91
C GLU A 210 22.32 19.64 -8.00
N ASN A 211 21.89 18.94 -9.06
CA ASN A 211 20.47 18.65 -9.28
C ASN A 211 20.08 17.22 -8.91
N LYS A 212 20.93 16.52 -8.15
CA LYS A 212 20.56 15.25 -7.52
C LYS A 212 19.16 15.30 -6.94
N ASP A 213 18.95 16.18 -5.95
CA ASP A 213 17.72 16.19 -5.17
C ASP A 213 16.50 16.15 -6.08
N GLU A 214 16.42 17.04 -7.07
CA GLU A 214 15.24 17.07 -7.93
C GLU A 214 15.06 15.74 -8.64
N TYR A 215 16.07 15.34 -9.42
CA TYR A 215 16.05 14.06 -10.12
C TYR A 215 15.54 12.90 -9.27
N ILE A 216 16.13 12.73 -8.07
CA ILE A 216 15.62 11.76 -7.10
C ILE A 216 14.12 11.94 -6.89
N GLY A 217 13.68 13.19 -6.71
CA GLY A 217 12.27 13.41 -6.47
C GLY A 217 11.41 13.09 -7.67
N LEU A 218 11.84 13.54 -8.87
CA LEU A 218 11.10 13.20 -10.08
C LEU A 218 11.10 11.70 -10.32
N MET A 219 12.27 11.03 -10.20
CA MET A 219 12.30 9.59 -10.43
C MET A 219 11.36 8.85 -9.48
N THR A 220 11.33 9.27 -8.21
CA THR A 220 10.47 8.66 -7.21
C THR A 220 9.00 8.83 -7.60
N GLU A 221 8.60 10.07 -7.88
CA GLU A 221 7.23 10.33 -8.24
C GLU A 221 6.84 9.59 -9.52
N TRP A 222 7.75 9.45 -10.47
CA TRP A 222 7.40 8.79 -11.72
C TRP A 222 7.24 7.28 -11.55
N ARG A 223 7.94 6.68 -10.59
CA ARG A 223 7.91 5.24 -10.42
C ARG A 223 6.54 4.73 -9.97
N PHE A 224 5.79 5.55 -9.24
CA PHE A 224 4.50 5.08 -8.73
C PHE A 224 3.49 4.90 -9.86
N SER A 225 3.47 5.84 -10.79
CA SER A 225 2.55 5.82 -11.92
C SER A 225 3.35 5.62 -13.20
N ARG A 226 3.93 4.44 -13.35
CA ARG A 226 4.56 4.04 -14.61
C ARG A 226 3.68 2.99 -15.27
N GLY A 227 3.18 3.32 -16.47
CA GLY A 227 2.25 2.46 -17.16
C GLY A 227 0.89 2.27 -16.51
N VAL A 228 0.54 3.08 -15.51
CA VAL A 228 -0.70 2.84 -14.80
C VAL A 228 -1.46 4.15 -14.54
N GLN A 229 -1.05 5.24 -15.18
CA GLN A 229 -1.76 6.51 -14.98
C GLN A 229 -3.21 6.40 -15.41
N GLU A 230 -3.44 5.97 -16.66
CA GLU A 230 -4.81 5.91 -17.18
C GLU A 230 -5.67 4.99 -16.34
N GLN A 231 -5.16 3.80 -16.02
CA GLN A 231 -5.89 2.87 -15.17
C GLN A 231 -6.20 3.48 -13.80
N THR A 232 -5.22 4.18 -13.19
CA THR A 232 -5.47 4.79 -11.87
C THR A 232 -6.48 5.93 -11.98
N LYS A 233 -6.41 6.68 -13.08
CA LYS A 233 -7.35 7.78 -13.25
C LYS A 233 -8.76 7.26 -13.40
N ALA A 234 -8.93 6.12 -14.06
CA ALA A 234 -10.27 5.56 -14.21
C ALA A 234 -10.79 5.02 -12.89
N PHE A 235 -9.94 4.32 -12.12
CA PHE A 235 -10.34 3.82 -10.81
C PHE A 235 -10.83 4.98 -9.93
N LEU A 236 -10.04 6.05 -9.84
CA LEU A 236 -10.39 7.16 -8.96
C LEU A 236 -11.64 7.89 -9.44
N ASP A 237 -11.80 8.02 -10.75
CA ASP A 237 -12.99 8.70 -11.27
C ASP A 237 -14.25 7.92 -10.92
N GLY A 238 -14.21 6.59 -11.05
CA GLY A 238 -15.37 5.78 -10.70
C GLY A 238 -15.65 5.76 -9.20
N PHE A 239 -14.62 5.60 -8.38
CA PHE A 239 -14.79 5.71 -6.94
C PHE A 239 -15.43 7.04 -6.57
N ASN A 240 -14.86 8.14 -7.06
CA ASN A 240 -15.31 9.48 -6.72
C ASN A 240 -16.77 9.68 -7.06
N GLU A 241 -17.31 8.91 -8.00
CA GLU A 241 -18.71 9.05 -8.40
C GLU A 241 -19.65 8.52 -7.34
N VAL A 242 -19.20 7.55 -6.54
CA VAL A 242 -20.06 6.92 -5.54
C VAL A 242 -19.80 7.53 -4.17
N VAL A 243 -18.57 7.44 -3.71
CA VAL A 243 -18.09 8.13 -2.51
C VAL A 243 -17.04 9.15 -2.95
N PRO A 244 -17.38 10.45 -2.95
CA PRO A 244 -16.39 11.44 -3.39
C PRO A 244 -15.18 11.42 -2.47
N LEU A 245 -13.99 11.55 -3.08
CA LEU A 245 -12.76 11.33 -2.33
C LEU A 245 -12.59 12.31 -1.18
N GLN A 246 -13.16 13.51 -1.26
CA GLN A 246 -12.98 14.47 -0.18
C GLN A 246 -13.65 14.06 1.13
N TRP A 247 -14.50 13.04 1.12
CA TRP A 247 -15.07 12.51 2.34
C TRP A 247 -14.07 11.71 3.15
N LEU A 248 -12.97 11.29 2.53
CA LEU A 248 -11.90 10.57 3.20
C LEU A 248 -10.86 11.53 3.78
N GLN A 249 -11.23 12.79 3.93
CA GLN A 249 -10.28 13.85 4.17
C GLN A 249 -9.57 13.71 5.52
N TYR A 250 -10.27 13.24 6.56
CA TYR A 250 -9.66 13.16 7.89
C TYR A 250 -8.80 11.92 8.09
N PHE A 251 -8.76 10.99 7.14
CA PHE A 251 -8.11 9.71 7.35
C PHE A 251 -6.71 9.68 6.77
N ASP A 252 -5.85 8.88 7.39
CA ASP A 252 -4.55 8.51 6.81
C ASP A 252 -4.68 7.15 6.17
N GLU A 253 -3.60 6.71 5.51
CA GLU A 253 -3.65 5.47 4.73
C GLU A 253 -3.87 4.25 5.63
N LYS A 254 -3.24 4.22 6.81
CA LYS A 254 -3.44 3.10 7.75
C LYS A 254 -4.90 2.98 8.19
N GLU A 255 -5.56 4.11 8.48
CA GLU A 255 -6.96 4.06 8.87
C GLU A 255 -7.87 3.67 7.70
N LEU A 256 -7.56 4.14 6.49
CA LEU A 256 -8.35 3.76 5.33
C LEU A 256 -8.28 2.25 5.08
N GLU A 257 -7.11 1.64 5.29
CA GLU A 257 -6.99 0.19 5.11
C GLU A 257 -7.88 -0.57 6.09
N VAL A 258 -7.85 -0.20 7.38
CA VAL A 258 -8.66 -0.88 8.39
C VAL A 258 -10.15 -0.73 8.07
N MET A 259 -10.57 0.48 7.68
CA MET A 259 -11.97 0.69 7.35
C MET A 259 -12.44 -0.28 6.28
N LEU A 260 -11.60 -0.55 5.28
CA LEU A 260 -11.97 -1.47 4.20
C LEU A 260 -11.82 -2.93 4.63
N CYS A 261 -10.75 -3.27 5.34
CA CYS A 261 -10.43 -4.66 5.60
C CYS A 261 -11.00 -5.19 6.92
N GLY A 262 -11.34 -4.33 7.88
CA GLY A 262 -11.82 -4.75 9.18
C GLY A 262 -10.68 -5.07 10.15
N MET A 263 -11.02 -5.23 11.42
CA MET A 263 -10.01 -5.51 12.45
C MET A 263 -10.08 -6.96 12.88
N GLN A 264 -8.92 -7.61 12.94
CA GLN A 264 -8.74 -8.92 13.56
C GLN A 264 -7.84 -8.75 14.78
N GLU A 265 -8.08 -9.58 15.79
CA GLU A 265 -7.23 -9.53 16.98
C GLU A 265 -5.98 -10.40 16.77
N VAL A 266 -4.85 -9.86 17.14
CA VAL A 266 -3.54 -10.48 16.97
C VAL A 266 -3.31 -11.49 18.08
N ASP A 267 -2.90 -12.70 17.67
CA ASP A 267 -2.47 -13.74 18.59
C ASP A 267 -1.03 -13.46 19.02
N LEU A 268 -0.86 -13.07 20.29
CA LEU A 268 0.42 -12.66 20.82
C LEU A 268 1.38 -13.83 20.98
N ALA A 269 0.90 -14.99 21.40
CA ALA A 269 1.80 -16.15 21.44
C ALA A 269 2.31 -16.50 20.05
N ASP A 270 1.46 -16.38 19.03
CA ASP A 270 1.88 -16.71 17.66
C ASP A 270 2.85 -15.67 17.11
N TRP A 271 2.61 -14.40 17.41
CA TRP A 271 3.52 -13.32 17.00
C TRP A 271 4.88 -13.50 17.65
N GLN A 272 4.91 -13.70 18.98
CA GLN A 272 6.17 -13.68 19.72
C GLN A 272 7.07 -14.84 19.32
N ARG A 273 6.51 -16.06 19.18
CA ARG A 273 7.34 -17.20 18.81
C ARG A 273 7.73 -17.22 17.33
N ASN A 274 7.18 -16.35 16.49
CA ASN A 274 7.63 -16.25 15.11
C ASN A 274 8.29 -14.90 14.86
N THR A 275 9.01 -14.37 15.83
CA THR A 275 9.79 -13.17 15.60
C THR A 275 11.28 -13.52 15.63
N VAL A 276 12.05 -12.89 14.72
CA VAL A 276 13.48 -13.10 14.58
C VAL A 276 14.21 -11.80 14.93
N TYR A 277 15.48 -11.95 15.36
CA TYR A 277 16.22 -10.81 15.88
C TYR A 277 17.54 -10.64 15.13
N ARG A 278 17.95 -9.39 14.95
CA ARG A 278 19.27 -9.06 14.42
C ARG A 278 20.02 -8.16 15.41
N HIS A 279 21.14 -8.65 15.93
CA HIS A 279 21.92 -7.94 16.95
C HIS A 279 21.10 -7.67 18.21
N TYR A 280 20.25 -8.65 18.53
CA TYR A 280 19.35 -8.72 19.66
C TYR A 280 19.05 -10.18 19.90
N THR A 281 18.49 -10.42 21.09
CA THR A 281 18.18 -11.74 21.59
C THR A 281 16.88 -11.58 22.35
N ARG A 282 16.23 -12.72 22.62
CA ARG A 282 15.12 -12.69 23.56
C ARG A 282 15.56 -12.22 24.94
N ASN A 283 16.85 -12.32 25.25
CA ASN A 283 17.38 -11.92 26.55
C ASN A 283 17.88 -10.47 26.57
N SER A 284 17.70 -9.74 25.47
CA SER A 284 17.96 -8.30 25.45
C SER A 284 16.86 -7.57 26.21
N LYS A 285 17.26 -6.60 27.05
CA LYS A 285 16.24 -5.89 27.81
C LYS A 285 15.34 -5.08 26.88
N GLN A 286 15.85 -4.65 25.72
CA GLN A 286 15.02 -3.93 24.76
C GLN A 286 13.93 -4.83 24.18
N ILE A 287 14.20 -6.14 24.07
CA ILE A 287 13.20 -7.09 23.60
C ILE A 287 12.20 -7.44 24.72
N ILE A 288 12.69 -7.64 25.95
CA ILE A 288 11.80 -7.85 27.10
C ILE A 288 10.83 -6.69 27.22
N TRP A 289 11.34 -5.45 27.10
CA TRP A 289 10.50 -4.27 27.21
C TRP A 289 9.51 -4.17 26.05
N PHE A 290 9.99 -4.44 24.82
CA PHE A 290 9.12 -4.47 23.64
C PHE A 290 7.95 -5.41 23.83
N TRP A 291 8.21 -6.68 24.21
CA TRP A 291 7.09 -7.60 24.38
C TRP A 291 6.21 -7.19 25.54
N GLN A 292 6.78 -6.53 26.55
CA GLN A 292 5.94 -6.00 27.61
C GLN A 292 5.06 -4.86 27.11
N PHE A 293 5.59 -4.02 26.23
CA PHE A 293 4.81 -2.92 25.68
C PHE A 293 3.58 -3.42 24.92
N VAL A 294 3.74 -4.41 24.04
CA VAL A 294 2.60 -4.83 23.24
C VAL A 294 1.58 -5.59 24.09
N LYS A 295 1.97 -6.10 25.28
CA LYS A 295 1.00 -6.74 26.19
C LYS A 295 0.05 -5.75 26.82
N GLU A 296 0.44 -4.49 26.96
CA GLU A 296 -0.39 -3.49 27.62
C GLU A 296 -1.28 -2.70 26.66
N THR A 297 -0.75 -2.32 25.50
CA THR A 297 -1.49 -1.41 24.63
C THR A 297 -2.76 -2.04 24.08
N ASP A 298 -3.62 -1.17 23.57
CA ASP A 298 -4.83 -1.59 22.86
C ASP A 298 -4.51 -2.54 21.74
N ASN A 299 -5.53 -3.13 21.16
CA ASN A 299 -5.29 -3.90 19.96
C ASN A 299 -5.35 -3.02 18.72
N GLU A 300 -5.87 -1.80 18.84
CA GLU A 300 -5.71 -0.81 17.77
C GLU A 300 -4.26 -0.41 17.59
N VAL A 301 -3.53 -0.28 18.70
CA VAL A 301 -2.11 0.05 18.63
C VAL A 301 -1.33 -1.11 18.03
N ARG A 302 -1.65 -2.35 18.43
CA ARG A 302 -0.99 -3.52 17.84
C ARG A 302 -1.12 -3.54 16.33
N MET A 303 -2.33 -3.28 15.82
CA MET A 303 -2.54 -3.35 14.38
C MET A 303 -1.83 -2.22 13.67
N ARG A 304 -1.86 -1.02 14.24
CA ARG A 304 -1.07 0.05 13.63
C ARG A 304 0.41 -0.28 13.65
N LEU A 305 0.87 -1.08 14.62
CA LEU A 305 2.30 -1.44 14.64
C LEU A 305 2.61 -2.49 13.56
N LEU A 306 1.72 -3.46 13.36
CA LEU A 306 1.86 -4.38 12.23
C LEU A 306 1.90 -3.63 10.90
N GLN A 307 1.04 -2.61 10.74
CA GLN A 307 1.09 -1.78 9.55
C GLN A 307 2.46 -1.11 9.38
N PHE A 308 2.93 -0.45 10.43
CA PHE A 308 4.17 0.31 10.35
C PHE A 308 5.35 -0.58 10.03
N VAL A 309 5.31 -1.84 10.43
CA VAL A 309 6.44 -2.75 10.23
C VAL A 309 6.25 -3.66 9.01
N THR A 310 5.09 -4.30 8.86
CA THR A 310 4.94 -5.21 7.74
C THR A 310 4.33 -4.56 6.50
N GLY A 311 3.73 -3.38 6.64
CA GLY A 311 3.08 -2.73 5.53
C GLY A 311 1.61 -3.04 5.37
N THR A 312 1.03 -3.85 6.25
CA THR A 312 -0.39 -4.15 6.20
C THR A 312 -0.87 -4.58 7.58
N CYS A 313 -2.18 -4.49 7.78
CA CYS A 313 -2.84 -5.05 8.94
C CYS A 313 -3.37 -6.45 8.71
N ARG A 314 -3.25 -6.99 7.50
CA ARG A 314 -3.79 -8.32 7.24
C ARG A 314 -2.73 -9.35 7.56
N LEU A 315 -3.16 -10.49 8.09
CA LEU A 315 -2.23 -11.55 8.46
C LEU A 315 -2.41 -12.76 7.60
N PRO A 316 -1.32 -13.35 7.10
CA PRO A 316 -1.45 -14.41 6.13
C PRO A 316 -2.25 -15.59 6.66
N LEU A 317 -2.66 -16.45 5.72
CA LEU A 317 -3.26 -17.73 6.05
C LEU A 317 -2.18 -18.59 6.68
N GLY A 318 -2.32 -18.89 7.97
CA GLY A 318 -1.31 -19.63 8.73
C GLY A 318 -0.80 -18.92 9.96
N GLY A 319 -0.94 -17.59 10.05
CA GLY A 319 -0.39 -16.83 11.14
C GLY A 319 0.95 -16.20 10.81
N PHE A 320 1.68 -15.84 11.88
CA PHE A 320 2.94 -15.11 11.72
C PHE A 320 4.04 -16.00 11.15
N ALA A 321 3.97 -17.31 11.34
CA ALA A 321 4.95 -18.18 10.72
C ALA A 321 5.04 -17.98 9.20
N GLU A 322 3.90 -17.66 8.54
CA GLU A 322 3.84 -17.58 7.08
C GLU A 322 4.18 -16.19 6.53
N LEU A 323 4.69 -15.28 7.34
CA LEU A 323 4.89 -13.90 6.85
C LEU A 323 5.85 -13.86 5.67
N MET A 324 5.46 -13.11 4.66
CA MET A 324 6.19 -12.98 3.41
C MET A 324 6.62 -11.54 3.20
N GLY A 325 7.77 -11.36 2.60
CA GLY A 325 8.25 -10.03 2.32
C GLY A 325 8.63 -9.91 0.86
N SER A 326 9.80 -9.37 0.58
CA SER A 326 10.25 -9.34 -0.81
C SER A 326 10.57 -10.75 -1.28
N ASN A 327 11.86 -11.10 -1.38
CA ASN A 327 12.25 -12.34 -2.05
C ASN A 327 11.78 -13.62 -1.36
N GLY A 328 10.65 -13.61 -0.66
CA GLY A 328 10.14 -14.84 -0.11
C GLY A 328 9.79 -14.78 1.37
N PRO A 329 9.87 -15.92 2.05
CA PRO A 329 9.51 -15.96 3.48
C PRO A 329 10.33 -14.98 4.31
N GLN A 330 9.64 -14.20 5.15
CA GLN A 330 10.31 -13.12 5.85
C GLN A 330 9.53 -12.82 7.14
N LYS A 331 9.99 -13.40 8.25
CA LYS A 331 9.34 -13.31 9.55
C LYS A 331 9.56 -11.95 10.20
N PHE A 332 8.61 -11.59 11.04
CA PHE A 332 8.72 -10.37 11.85
C PHE A 332 10.10 -10.27 12.51
N CYS A 333 10.76 -9.13 12.32
CA CYS A 333 12.17 -8.99 12.65
C CYS A 333 12.44 -7.68 13.34
N ILE A 334 13.23 -7.75 14.43
CA ILE A 334 13.66 -6.57 15.18
C ILE A 334 15.19 -6.53 15.20
N GLU A 335 15.74 -5.32 15.05
CA GLU A 335 17.17 -5.10 14.89
C GLU A 335 17.60 -3.82 15.59
N LYS A 336 18.74 -3.89 16.29
CA LYS A 336 19.26 -2.75 17.04
C LYS A 336 20.03 -1.84 16.10
N VAL A 337 19.71 -0.55 16.11
CA VAL A 337 20.42 0.44 15.31
C VAL A 337 20.53 1.75 16.08
N GLY A 338 21.61 2.48 15.82
CA GLY A 338 21.76 3.84 16.32
C GLY A 338 21.86 3.92 17.84
N LYS A 339 21.28 4.97 18.40
CA LYS A 339 21.42 5.23 19.82
C LYS A 339 20.08 5.69 20.40
N ASP A 340 20.01 5.73 21.73
CA ASP A 340 18.79 6.06 22.47
C ASP A 340 18.24 7.44 22.11
N THR A 341 19.01 8.25 21.38
CA THR A 341 18.47 9.52 20.93
C THR A 341 17.63 9.38 19.65
N TRP A 342 17.84 8.32 18.86
CA TRP A 342 17.16 8.13 17.58
C TRP A 342 15.68 7.77 17.77
N LEU A 343 14.93 7.85 16.65
CA LEU A 343 13.54 7.39 16.67
C LEU A 343 13.45 6.00 16.04
N PRO A 344 12.44 5.18 16.35
CA PRO A 344 12.35 3.88 15.68
C PRO A 344 11.94 4.06 14.22
N ARG A 345 12.22 3.05 13.41
CA ARG A 345 11.86 3.11 11.99
C ARG A 345 11.73 1.70 11.45
N SER A 346 11.31 1.59 10.19
CA SER A 346 10.94 0.27 9.69
C SER A 346 11.19 0.15 8.19
N HIS A 347 11.17 -1.09 7.73
CA HIS A 347 11.35 -1.45 6.33
C HIS A 347 10.29 -2.52 6.04
N THR A 348 9.16 -2.09 5.47
CA THR A 348 7.98 -2.96 5.36
C THR A 348 8.20 -4.09 4.36
N CYS A 349 9.15 -3.93 3.45
CA CYS A 349 9.48 -4.99 2.51
C CYS A 349 10.15 -6.16 3.20
N PHE A 350 10.75 -5.91 4.36
CA PHE A 350 11.48 -6.92 5.09
C PHE A 350 10.80 -7.27 6.40
N ASN A 351 9.63 -6.68 6.66
CA ASN A 351 8.92 -6.88 7.92
C ASN A 351 9.87 -6.63 9.11
N ARG A 352 10.65 -5.55 9.02
CA ARG A 352 11.74 -5.27 9.95
C ARG A 352 11.50 -3.98 10.74
N LEU A 353 11.68 -4.07 12.06
CA LEU A 353 11.64 -2.90 12.94
C LEU A 353 13.06 -2.59 13.41
N ASP A 354 13.47 -1.34 13.20
CA ASP A 354 14.77 -0.84 13.67
C ASP A 354 14.57 -0.22 15.05
N LEU A 355 14.87 -0.99 16.10
CA LEU A 355 14.62 -0.61 17.48
C LEU A 355 15.90 -0.17 18.16
N PRO A 356 16.11 1.13 18.38
CA PRO A 356 17.35 1.58 19.02
C PRO A 356 17.43 1.15 20.46
N PRO A 357 18.67 1.05 21.03
CA PRO A 357 18.91 0.50 22.38
C PRO A 357 18.61 1.53 23.48
N TYR A 358 17.32 1.70 23.77
CA TYR A 358 16.90 2.70 24.72
C TYR A 358 17.35 2.33 26.13
N LYS A 359 17.28 3.31 27.04
CA LYS A 359 17.78 3.21 28.41
C LYS A 359 16.75 2.69 29.43
N SER A 360 15.47 2.97 29.25
CA SER A 360 14.47 2.49 30.18
C SER A 360 13.23 2.03 29.41
N TYR A 361 12.40 1.24 30.10
CA TYR A 361 11.10 0.86 29.55
C TYR A 361 10.30 2.07 29.10
N GLU A 362 10.23 3.11 29.94
CA GLU A 362 9.39 4.26 29.63
C GLU A 362 9.85 4.99 28.39
N GLN A 363 11.17 5.15 28.21
CA GLN A 363 11.66 5.78 26.98
C GLN A 363 11.29 4.95 25.76
N LEU A 364 11.43 3.63 25.87
CA LEU A 364 11.06 2.75 24.74
C LEU A 364 9.57 2.84 24.45
N LYS A 365 8.72 2.85 25.49
CA LYS A 365 7.29 2.94 25.25
C LYS A 365 6.91 4.28 24.63
N GLU A 366 7.56 5.35 25.07
CA GLU A 366 7.21 6.66 24.52
C GLU A 366 7.65 6.77 23.07
N LYS A 367 8.77 6.15 22.73
CA LYS A 367 9.30 6.33 21.39
C LYS A 367 8.65 5.40 20.36
N LEU A 368 8.31 4.16 20.75
CA LEU A 368 7.43 3.35 19.92
C LEU A 368 6.12 4.06 19.60
N LEU A 369 5.35 4.40 20.64
CA LEU A 369 4.04 5.01 20.43
C LEU A 369 4.12 6.24 19.56
N PHE A 370 5.21 7.00 19.66
CA PHE A 370 5.40 8.11 18.74
C PHE A 370 5.56 7.62 17.32
N ALA A 371 6.43 6.62 17.10
CA ALA A 371 6.64 6.14 15.74
C ALA A 371 5.39 5.49 15.18
N ILE A 372 4.67 4.73 16.01
CA ILE A 372 3.47 4.03 15.56
C ILE A 372 2.39 5.03 15.13
N GLU A 373 2.21 6.10 15.90
CA GLU A 373 1.05 6.98 15.74
C GLU A 373 1.32 8.21 14.88
N GLU A 374 2.56 8.66 14.79
CA GLU A 374 2.88 9.96 14.20
C GLU A 374 3.68 9.88 12.93
N THR A 375 4.50 8.85 12.74
CA THR A 375 5.36 8.75 11.58
C THR A 375 4.91 7.59 10.70
N GLU A 376 5.35 7.61 9.45
CA GLU A 376 4.83 6.67 8.46
C GLU A 376 5.70 5.41 8.31
N PRO B 3 40.28 0.42 -7.72
CA PRO B 3 39.75 -0.24 -6.52
C PRO B 3 39.29 -1.66 -6.83
N ALA B 4 40.17 -2.45 -7.45
CA ALA B 4 39.82 -3.78 -7.93
C ALA B 4 38.57 -3.73 -8.80
N SER B 5 38.58 -2.79 -9.74
CA SER B 5 37.48 -2.59 -10.70
C SER B 5 36.16 -2.30 -9.99
N MET B 6 36.22 -1.45 -8.98
CA MET B 6 35.01 -0.99 -8.31
C MET B 6 34.35 0.12 -9.12
N ARG B 7 33.26 0.68 -8.58
CA ARG B 7 32.55 1.79 -9.22
C ARG B 7 32.07 1.42 -10.62
N CYS B 8 32.98 0.94 -11.47
CA CYS B 8 32.64 0.55 -12.83
C CYS B 8 31.48 -0.44 -12.87
N HIS B 9 31.44 -1.37 -11.93
CA HIS B 9 30.37 -2.37 -11.89
C HIS B 9 29.09 -1.85 -11.24
N ARG B 10 29.18 -0.85 -10.36
CA ARG B 10 27.97 -0.27 -9.77
C ARG B 10 27.32 0.73 -10.71
N ALA B 11 28.12 1.54 -11.38
CA ALA B 11 27.58 2.47 -12.37
C ALA B 11 26.82 1.72 -13.47
N ALA B 12 27.39 0.60 -13.95
CA ALA B 12 26.68 -0.21 -14.93
C ALA B 12 25.40 -0.77 -14.33
N HIS B 13 25.42 -1.07 -13.05
CA HIS B 13 24.24 -1.66 -12.43
C HIS B 13 23.18 -0.61 -12.17
N ILE B 14 23.59 0.61 -11.81
CA ILE B 14 22.64 1.67 -11.53
C ILE B 14 21.92 2.14 -12.80
N CYS B 15 22.63 2.34 -13.91
CA CYS B 15 21.91 2.68 -15.15
C CYS B 15 21.01 1.54 -15.59
N SER B 16 21.46 0.30 -15.48
CA SER B 16 20.60 -0.82 -15.83
C SER B 16 19.31 -0.84 -15.01
N VAL B 17 19.36 -0.42 -13.74
CA VAL B 17 18.16 -0.44 -12.90
C VAL B 17 17.27 0.76 -13.17
N LEU B 18 17.85 1.91 -13.49
CA LEU B 18 17.09 3.14 -13.64
C LEU B 18 16.84 3.51 -15.10
C1 EDO C . 9.32 13.07 20.20
O1 EDO C . 10.26 13.68 19.31
C2 EDO C . 10.01 11.96 20.97
O2 EDO C . 9.02 11.22 21.70
C1 EDO D . 12.68 -17.23 8.28
O1 EDO D . 12.25 -15.93 7.78
C2 EDO D . 12.37 -18.34 7.25
O2 EDO D . 12.81 -19.65 7.67
C1 EDO E . -13.32 1.60 -22.60
O1 EDO E . -13.88 0.32 -22.96
C2 EDO E . -13.19 2.50 -23.83
O2 EDO E . -14.45 2.49 -24.52
C1 EDO F . -23.31 12.43 -6.98
O1 EDO F . -24.60 13.05 -6.88
C2 EDO F . -22.33 13.18 -6.08
O2 EDO F . -21.10 12.45 -5.96
CA WHL G . 29.03 1.34 -17.32
CB WHL G . 27.81 1.94 -17.56
NB WHL G . 26.26 3.83 -17.51
OB WHL G . 32.73 3.13 -15.91
CG WHL G . 32.59 1.95 -16.06
CD WHL G . 28.59 3.98 -16.59
CE WHL G . 29.83 3.39 -16.34
CH WHL G . 33.78 1.02 -15.84
CC WHL G . 27.58 3.27 -17.21
CF WHL G . 30.05 2.07 -16.70
CJ WHL G . 25.80 5.18 -17.18
CK WHL G . 24.36 5.54 -17.54
NA WHL G . 31.31 1.38 -16.45
OA WHL G . 26.49 6.00 -16.66
#